data_2VWW
#
_entry.id   2VWW
#
_cell.length_a   46.462
_cell.length_b   53.414
_cell.length_c   61.644
_cell.angle_alpha   90.00
_cell.angle_beta   111.38
_cell.angle_gamma   90.00
#
_symmetry.space_group_name_H-M   'P 1 21 1'
#
loop_
_entity.id
_entity.type
_entity.pdbx_description
1 polymer 'EPHRIN TYPE-B RECEPTOR 4'
2 non-polymer "N'-(5-CHLORO-1,3-BENZODIOXOL-4-YL)-N-(3,4,5- TRIMETHOXYPHENYL)PYRIMIDINE-2,4-DIAMINE"
3 water water
#
_entity_poly.entity_id   1
_entity_poly.type   'polypeptide(L)'
_entity_poly.pdbx_seq_one_letter_code
;DPNEAVREFAKEIDVSYVKIEEVIGAGEFGEVCRGRLKAPGKKESCVAIKTLKGGYTERQRREFLSEASIMGQFEHPNII
RLEGVVTNSMPVMILTEFMENGALDSFLRLNDGQFTVIQLVGMLRGIASGMRYLAEMSYVHRDLAARNILVNSNLVCKVS
DFGLSRFLEENSSDPTETSSLGGKIPIRWTAPEAIAFRKFTSASDAWSYGIVMWEVMSFGERPYWDMSNQDVINAIEQDY
RLPPPPDCPTSLHQLMLDCWQKDRNARPRFPQVVSALDKMIRNPASLKIVARENGGASHPLL
;
_entity_poly.pdbx_strand_id   A
#
loop_
_chem_comp.id
_chem_comp.type
_chem_comp.name
_chem_comp.formula
7X2 non-polymer 'N'-(5-CHLORO-1,3-BENZODIOXOL-4-YL)-N-(3,4,5- TRIMETHOXYPHENYL)PYRIMIDINE-2,4-DIAMINE' 'C20 H19 Cl N4 O5'
#
# COMPACT_ATOMS: atom_id res chain seq x y z
N GLU A 12 -4.36 21.35 -16.50
CA GLU A 12 -4.68 21.00 -15.05
C GLU A 12 -3.98 21.95 -14.07
N ILE A 13 -2.67 21.79 -13.82
CA ILE A 13 -1.94 22.73 -12.94
C ILE A 13 -0.94 23.60 -13.71
N ASP A 14 -1.15 24.91 -13.64
CA ASP A 14 -0.21 25.89 -14.13
C ASP A 14 1.18 25.65 -13.55
N VAL A 15 2.17 25.55 -14.44
CA VAL A 15 3.54 25.19 -14.05
C VAL A 15 4.23 26.23 -13.17
N SER A 16 3.80 27.48 -13.32
CA SER A 16 4.26 28.54 -12.45
C SER A 16 3.88 28.30 -10.98
N TYR A 17 2.92 27.41 -10.74
CA TYR A 17 2.43 27.18 -9.38
C TYR A 17 3.28 26.17 -8.61
N VAL A 18 4.21 25.52 -9.31
CA VAL A 18 4.99 24.37 -8.81
C VAL A 18 6.46 24.72 -8.65
N LYS A 19 7.01 24.49 -7.46
CA LYS A 19 8.47 24.51 -7.24
C LYS A 19 9.02 23.14 -6.86
N ILE A 20 9.86 22.56 -7.72
CA ILE A 20 10.53 21.29 -7.40
C ILE A 20 11.73 21.57 -6.51
N GLU A 21 11.67 21.07 -5.28
CA GLU A 21 12.82 21.04 -4.40
C GLU A 21 13.42 19.63 -4.59
N GLU A 22 14.17 19.16 -3.63
CA GLU A 22 14.85 17.85 -3.68
C GLU A 22 14.31 16.76 -4.61
N VAL A 23 15.21 16.09 -5.33
CA VAL A 23 14.90 14.80 -5.95
C VAL A 23 15.07 13.77 -4.84
N ILE A 24 14.04 12.98 -4.57
CA ILE A 24 14.06 12.07 -3.41
C ILE A 24 14.08 10.61 -3.83
N GLY A 25 13.63 10.30 -5.04
CA GLY A 25 13.57 8.93 -5.49
C GLY A 25 13.60 8.78 -6.99
N ALA A 26 13.52 7.53 -7.43
CA ALA A 26 13.47 7.20 -8.84
C ALA A 26 12.27 6.29 -9.08
N GLY A 27 11.51 6.59 -10.14
CA GLY A 27 10.35 5.79 -10.50
C GLY A 27 10.57 5.13 -11.86
N GLU A 28 9.50 4.57 -12.40
CA GLU A 28 9.56 3.80 -13.64
C GLU A 28 9.91 4.68 -14.86
N PHE A 29 9.31 5.87 -14.90
CA PHE A 29 9.46 6.78 -16.03
C PHE A 29 10.30 8.00 -15.73
N GLY A 30 10.73 8.16 -14.48
CA GLY A 30 11.58 9.27 -14.11
C GLY A 30 11.71 9.49 -12.63
N GLU A 31 12.01 10.74 -12.28
CA GLU A 31 12.30 11.11 -10.92
C GLU A 31 11.02 11.22 -10.10
N VAL A 32 11.18 11.07 -8.79
CA VAL A 32 10.17 11.47 -7.80
C VAL A 32 10.82 12.54 -6.94
N CYS A 33 10.13 13.67 -6.80
CA CYS A 33 10.65 14.85 -6.12
C CYS A 33 9.71 15.36 -5.03
N ARG A 34 10.32 16.06 -4.07
CA ARG A 34 9.57 16.85 -3.08
C ARG A 34 9.51 18.27 -3.66
N GLY A 35 8.34 18.89 -3.54
CA GLY A 35 8.13 20.22 -4.04
C GLY A 35 7.07 20.96 -3.28
N ARG A 36 6.77 22.16 -3.76
CA ARG A 36 5.76 23.04 -3.18
C ARG A 36 4.77 23.48 -4.25
N LEU A 37 3.48 23.41 -3.91
CA LEU A 37 2.39 23.85 -4.77
C LEU A 37 1.67 25.07 -4.16
N LYS A 38 1.59 26.13 -4.95
CA LYS A 38 0.91 27.35 -4.49
C LYS A 38 0.07 27.89 -5.64
N ALA A 39 -1.26 27.73 -5.51
CA ALA A 39 -2.23 28.28 -6.44
C ALA A 39 -3.01 29.44 -5.83
N PRO A 40 -3.42 30.39 -6.68
CA PRO A 40 -4.23 31.53 -6.24
C PRO A 40 -5.43 31.13 -5.36
N GLY A 41 -5.59 31.81 -4.22
CA GLY A 41 -6.73 31.57 -3.32
C GLY A 41 -6.49 30.52 -2.26
N LYS A 42 -5.44 29.73 -2.45
CA LYS A 42 -5.16 28.60 -1.60
C LYS A 42 -3.76 28.72 -1.00
N LYS A 43 -3.63 28.21 0.21
CA LYS A 43 -2.36 28.24 0.90
C LYS A 43 -1.37 27.31 0.20
N GLU A 44 -0.09 27.60 0.36
CA GLU A 44 0.96 26.74 -0.18
C GLU A 44 0.87 25.36 0.47
N SER A 45 1.15 24.31 -0.30
CA SER A 45 1.17 22.95 0.24
C SER A 45 2.39 22.21 -0.24
N CYS A 46 2.79 21.21 0.54
CA CYS A 46 3.87 20.33 0.17
C CYS A 46 3.36 19.22 -0.76
N VAL A 47 4.09 18.94 -1.84
CA VAL A 47 3.67 17.93 -2.80
C VAL A 47 4.82 17.02 -3.20
N ALA A 48 4.45 15.76 -3.53
CA ALA A 48 5.31 14.88 -4.28
C ALA A 48 5.05 15.13 -5.77
N ILE A 49 6.13 15.10 -6.54
CA ILE A 49 6.09 15.34 -7.98
C ILE A 49 6.82 14.23 -8.70
N LYS A 50 6.12 13.56 -9.62
CA LYS A 50 6.76 12.64 -10.56
C LYS A 50 6.94 13.41 -11.85
N THR A 51 8.13 13.30 -12.43
CA THR A 51 8.47 13.99 -13.68
C THR A 51 8.82 12.98 -14.78
N LEU A 52 8.57 13.34 -16.05
CA LEU A 52 8.66 12.41 -17.21
C LEU A 52 9.52 12.95 -18.37
N THR A 57 8.02 9.03 -26.19
CA THR A 57 7.51 7.68 -25.94
C THR A 57 6.02 7.54 -26.26
N GLU A 58 5.27 8.65 -26.19
CA GLU A 58 3.83 8.73 -26.54
C GLU A 58 2.93 7.73 -25.83
N ARG A 59 3.07 6.44 -26.14
CA ARG A 59 2.36 5.38 -25.43
C ARG A 59 2.73 5.43 -23.95
N GLN A 60 4.02 5.62 -23.69
CA GLN A 60 4.55 5.67 -22.33
C GLN A 60 4.10 6.92 -21.56
N ARG A 61 3.85 8.01 -22.29
CA ARG A 61 3.31 9.25 -21.73
C ARG A 61 1.90 9.00 -21.21
N ARG A 62 1.08 8.31 -22.00
CA ARG A 62 -0.25 7.90 -21.56
C ARG A 62 -0.15 6.88 -20.43
N GLU A 63 0.90 6.06 -20.50
CA GLU A 63 1.22 5.10 -19.46
C GLU A 63 1.52 5.82 -18.15
N PHE A 64 2.37 6.83 -18.22
CA PHE A 64 2.64 7.72 -17.08
C PHE A 64 1.34 8.34 -16.53
N LEU A 65 0.54 8.93 -17.43
CA LEU A 65 -0.58 9.78 -17.01
C LEU A 65 -1.81 9.02 -16.54
N SER A 66 -1.94 7.78 -17.00
CA SER A 66 -3.02 6.89 -16.56
C SER A 66 -3.08 6.77 -15.02
N GLU A 67 -1.92 6.80 -14.38
CA GLU A 67 -1.86 6.68 -12.91
C GLU A 67 -2.63 7.83 -12.28
N ALA A 68 -2.48 9.03 -12.86
CA ALA A 68 -3.20 10.22 -12.40
C ALA A 68 -4.70 10.08 -12.66
N SER A 69 -5.06 9.55 -13.82
CA SER A 69 -6.49 9.40 -14.11
C SER A 69 -7.14 8.42 -13.13
N ILE A 70 -6.47 7.31 -12.84
CA ILE A 70 -7.03 6.34 -11.86
C ILE A 70 -7.06 6.95 -10.46
N MET A 71 -5.91 7.46 -10.02
CA MET A 71 -5.75 8.13 -8.71
C MET A 71 -6.81 9.21 -8.52
N GLY A 72 -7.11 9.92 -9.61
CA GLY A 72 -8.10 10.99 -9.60
C GLY A 72 -9.54 10.52 -9.45
N GLN A 73 -9.79 9.22 -9.56
CA GLN A 73 -11.15 8.66 -9.33
C GLN A 73 -11.49 8.53 -7.84
N PHE A 74 -10.49 8.68 -6.99
CA PHE A 74 -10.61 8.31 -5.58
C PHE A 74 -10.52 9.49 -4.67
N GLU A 75 -11.29 9.44 -3.59
CA GLU A 75 -11.23 10.42 -2.52
C GLU A 75 -11.44 9.69 -1.19
N HIS A 76 -10.34 9.44 -0.47
CA HIS A 76 -10.37 8.72 0.79
C HIS A 76 -9.09 9.03 1.60
N PRO A 77 -9.20 9.17 2.93
CA PRO A 77 -8.02 9.48 3.74
C PRO A 77 -6.90 8.47 3.72
N ASN A 78 -7.16 7.24 3.24
CA ASN A 78 -6.15 6.20 3.18
C ASN A 78 -5.80 5.81 1.74
N ILE A 79 -6.08 6.73 0.81
CA ILE A 79 -5.68 6.60 -0.57
C ILE A 79 -4.98 7.88 -1.00
N ILE A 80 -3.80 7.77 -1.62
CA ILE A 80 -3.00 8.96 -1.95
C ILE A 80 -3.84 9.98 -2.72
N ARG A 81 -3.83 11.23 -2.29
CA ARG A 81 -4.60 12.29 -2.94
C ARG A 81 -3.84 12.96 -4.11
N LEU A 82 -4.50 12.99 -5.27
CA LEU A 82 -3.97 13.66 -6.47
C LEU A 82 -4.27 15.17 -6.38
N GLU A 83 -3.25 16.00 -6.57
CA GLU A 83 -3.43 17.44 -6.67
C GLU A 83 -3.67 17.82 -8.13
N GLY A 84 -2.86 17.25 -9.01
CA GLY A 84 -3.04 17.50 -10.44
C GLY A 84 -1.90 17.01 -11.29
N VAL A 85 -1.90 17.47 -12.55
CA VAL A 85 -0.88 17.15 -13.51
C VAL A 85 -0.45 18.39 -14.28
N VAL A 86 0.73 18.27 -14.88
CA VAL A 86 1.27 19.24 -15.82
C VAL A 86 1.44 18.50 -17.13
N THR A 87 0.67 18.90 -18.15
CA THR A 87 0.61 18.17 -19.45
C THR A 87 0.73 19.08 -20.64
N ASN A 88 0.20 20.30 -20.55
CA ASN A 88 0.32 21.28 -21.64
C ASN A 88 1.75 21.80 -21.73
N SER A 89 2.55 21.48 -20.72
CA SER A 89 3.96 21.84 -20.64
C SER A 89 4.84 20.59 -20.52
N MET A 90 6.16 20.77 -20.62
CA MET A 90 7.13 19.69 -20.49
C MET A 90 8.19 20.11 -19.46
N PRO A 91 8.57 19.20 -18.55
CA PRO A 91 8.23 17.79 -18.44
C PRO A 91 6.82 17.59 -17.93
N VAL A 92 6.25 16.45 -18.28
CA VAL A 92 4.92 16.08 -17.86
C VAL A 92 5.06 15.70 -16.38
N MET A 93 4.14 16.18 -15.55
CA MET A 93 4.19 15.95 -14.10
C MET A 93 2.88 15.42 -13.56
N ILE A 94 3.02 14.66 -12.47
CA ILE A 94 1.91 14.25 -11.63
C ILE A 94 2.26 14.75 -10.24
N LEU A 95 1.33 15.49 -9.63
CA LEU A 95 1.48 16.00 -8.28
C LEU A 95 0.46 15.40 -7.33
N THR A 96 0.94 14.96 -6.18
CA THR A 96 0.08 14.42 -5.14
C THR A 96 0.47 15.07 -3.83
N GLU A 97 -0.32 14.80 -2.79
CA GLU A 97 0.10 15.15 -1.43
C GLU A 97 1.46 14.51 -1.17
N PHE A 98 2.23 15.12 -0.29
CA PHE A 98 3.54 14.61 0.07
C PHE A 98 3.46 13.74 1.32
N MET A 99 3.98 12.52 1.22
CA MET A 99 4.03 11.57 2.33
C MET A 99 5.45 11.55 2.88
N GLU A 100 5.59 12.19 4.03
CA GLU A 100 6.88 12.56 4.62
C GLU A 100 7.76 11.37 5.00
N ASN A 101 7.13 10.24 5.35
CA ASN A 101 7.86 9.08 5.80
C ASN A 101 8.07 8.03 4.72
N GLY A 102 7.64 8.31 3.48
CA GLY A 102 7.93 7.39 2.35
C GLY A 102 7.23 6.03 2.39
N ALA A 103 7.84 5.02 1.76
CA ALA A 103 7.28 3.67 1.66
C ALA A 103 7.33 2.94 3.01
N LEU A 104 6.27 2.20 3.30
CA LEU A 104 6.08 1.59 4.61
C LEU A 104 7.14 0.55 4.93
N ASP A 105 7.58 -0.22 3.93
CA ASP A 105 8.53 -1.31 4.20
C ASP A 105 9.87 -0.77 4.63
N SER A 106 10.36 0.24 3.93
CA SER A 106 11.61 0.87 4.29
C SER A 106 11.50 1.67 5.57
N PHE A 107 10.36 2.34 5.79
CA PHE A 107 10.14 3.14 7.02
C PHE A 107 10.18 2.23 8.25
N LEU A 108 9.56 1.05 8.15
CA LEU A 108 9.57 0.08 9.26
C LEU A 108 10.97 -0.52 9.48
N ARG A 109 11.67 -0.86 8.39
CA ARG A 109 13.03 -1.40 8.54
C ARG A 109 13.90 -0.38 9.28
N LEU A 110 13.81 0.88 8.90
CA LEU A 110 14.51 1.94 9.61
C LEU A 110 14.08 2.08 11.09
N ASN A 111 12.85 1.66 11.42
CA ASN A 111 12.29 1.80 12.75
C ASN A 111 11.99 0.45 13.39
N ASP A 112 12.87 -0.51 13.13
CA ASP A 112 12.71 -1.88 13.54
C ASP A 112 12.57 -1.98 15.05
N GLY A 113 11.44 -2.54 15.49
CA GLY A 113 11.17 -2.72 16.88
C GLY A 113 10.72 -1.48 17.63
N GLN A 114 10.55 -0.35 16.91
CA GLN A 114 10.46 0.95 17.57
C GLN A 114 9.03 1.51 17.68
N PHE A 115 8.06 0.82 17.08
CA PHE A 115 6.64 1.16 17.24
C PHE A 115 5.92 0.02 17.97
N THR A 116 4.89 0.38 18.73
CA THR A 116 4.16 -0.56 19.58
C THR A 116 3.16 -1.32 18.72
N VAL A 117 2.67 -2.45 19.24
CA VAL A 117 1.70 -3.25 18.53
C VAL A 117 0.48 -2.39 18.18
N ILE A 118 0.07 -1.50 19.07
CA ILE A 118 -1.13 -0.73 18.86
C ILE A 118 -0.90 0.23 17.72
N GLN A 119 0.32 0.80 17.62
CA GLN A 119 0.67 1.69 16.52
C GLN A 119 0.66 0.96 15.18
N LEU A 120 1.18 -0.27 15.19
CA LEU A 120 1.23 -1.10 13.98
C LEU A 120 -0.19 -1.49 13.52
N VAL A 121 -1.06 -1.79 14.48
CA VAL A 121 -2.44 -2.16 14.19
C VAL A 121 -3.13 -0.96 13.59
N GLY A 122 -2.84 0.25 14.10
CA GLY A 122 -3.39 1.45 13.49
C GLY A 122 -3.01 1.63 12.03
N MET A 123 -1.76 1.34 11.72
CA MET A 123 -1.27 1.40 10.35
C MET A 123 -2.01 0.39 9.48
N LEU A 124 -2.15 -0.83 9.97
CA LEU A 124 -2.88 -1.89 9.26
C LEU A 124 -4.35 -1.54 9.08
N ARG A 125 -4.91 -0.85 10.06
CA ARG A 125 -6.33 -0.45 9.97
C ARG A 125 -6.53 0.57 8.88
N GLY A 126 -5.63 1.54 8.81
CA GLY A 126 -5.63 2.57 7.75
C GLY A 126 -5.53 1.91 6.37
N ILE A 127 -4.62 0.96 6.23
CA ILE A 127 -4.48 0.23 4.96
C ILE A 127 -5.75 -0.53 4.61
N ALA A 128 -6.34 -1.20 5.59
CA ALA A 128 -7.57 -1.98 5.38
C ALA A 128 -8.75 -1.10 4.97
N SER A 129 -8.82 0.11 5.53
CA SER A 129 -9.89 1.04 5.21
C SER A 129 -9.74 1.49 3.77
N GLY A 130 -8.51 1.79 3.38
CA GLY A 130 -8.19 2.13 1.98
C GLY A 130 -8.68 1.05 1.04
N MET A 131 -8.28 -0.19 1.32
CA MET A 131 -8.71 -1.33 0.55
C MET A 131 -10.23 -1.59 0.57
N ARG A 132 -10.86 -1.37 1.71
CA ARG A 132 -12.35 -1.38 1.86
C ARG A 132 -13.04 -0.46 0.85
N TYR A 133 -12.53 0.77 0.77
CA TYR A 133 -12.99 1.73 -0.19
C TYR A 133 -12.78 1.29 -1.65
N LEU A 134 -11.59 0.79 -1.99
CA LEU A 134 -11.31 0.41 -3.36
C LEU A 134 -12.22 -0.75 -3.76
N ALA A 135 -12.36 -1.73 -2.88
CA ALA A 135 -13.28 -2.88 -3.13
C ALA A 135 -14.74 -2.43 -3.30
N GLU A 136 -15.19 -1.50 -2.47
CA GLU A 136 -16.52 -0.92 -2.61
C GLU A 136 -16.71 -0.21 -3.96
N MET A 137 -15.64 0.42 -4.47
CA MET A 137 -15.66 1.03 -5.82
C MET A 137 -15.42 0.01 -6.97
N SER A 138 -15.42 -1.27 -6.66
CA SER A 138 -15.06 -2.33 -7.62
C SER A 138 -13.64 -2.20 -8.25
N TYR A 139 -12.70 -1.62 -7.51
CA TYR A 139 -11.33 -1.49 -7.99
C TYR A 139 -10.46 -2.56 -7.37
N VAL A 140 -9.81 -3.38 -8.21
CA VAL A 140 -8.88 -4.41 -7.75
C VAL A 140 -7.45 -3.87 -7.93
N HIS A 141 -6.65 -3.96 -6.88
CA HIS A 141 -5.35 -3.30 -6.88
C HIS A 141 -4.28 -4.10 -7.64
N ARG A 142 -4.21 -5.39 -7.29
CA ARG A 142 -3.37 -6.41 -7.94
C ARG A 142 -1.92 -6.39 -7.45
N ASP A 143 -1.53 -5.33 -6.78
CA ASP A 143 -0.15 -5.17 -6.39
C ASP A 143 -0.05 -4.60 -4.96
N LEU A 144 -0.92 -5.11 -4.09
CA LEU A 144 -0.93 -4.65 -2.70
C LEU A 144 0.30 -5.23 -1.98
N ALA A 145 1.19 -4.36 -1.53
CA ALA A 145 2.42 -4.72 -0.83
C ALA A 145 2.85 -3.52 0.01
N ALA A 146 3.60 -3.74 1.08
CA ALA A 146 4.04 -2.64 1.94
C ALA A 146 4.84 -1.59 1.13
N ARG A 147 5.58 -2.01 0.12
CA ARG A 147 6.29 -1.06 -0.74
C ARG A 147 5.34 -0.06 -1.43
N ASN A 148 4.07 -0.41 -1.60
CA ASN A 148 3.09 0.49 -2.28
C ASN A 148 2.21 1.31 -1.31
N ILE A 149 2.52 1.20 -0.03
CA ILE A 149 1.89 1.98 1.01
C ILE A 149 2.84 3.08 1.41
N LEU A 150 2.31 4.30 1.45
CA LEU A 150 3.06 5.48 1.85
C LEU A 150 2.63 5.96 3.22
N VAL A 151 3.56 6.54 3.95
CA VAL A 151 3.35 6.92 5.35
C VAL A 151 3.60 8.41 5.54
N ASN A 152 2.67 9.09 6.21
CA ASN A 152 2.85 10.52 6.52
C ASN A 152 3.43 10.79 7.92
N SER A 153 3.67 12.06 8.20
CA SER A 153 4.32 12.43 9.47
C SER A 153 3.51 11.98 10.71
N ASN A 154 2.21 11.83 10.55
CA ASN A 154 1.33 11.34 11.61
C ASN A 154 1.16 9.83 11.63
N LEU A 155 1.98 9.12 10.85
CA LEU A 155 1.92 7.65 10.74
C LEU A 155 0.67 7.09 10.01
N VAL A 156 -0.06 7.96 9.32
CA VAL A 156 -1.20 7.57 8.51
C VAL A 156 -0.68 6.93 7.23
N CYS A 157 -1.18 5.73 6.97
CA CYS A 157 -0.79 4.88 5.85
C CYS A 157 -1.80 5.00 4.71
N LYS A 158 -1.29 5.20 3.49
CA LYS A 158 -2.16 5.40 2.36
C LYS A 158 -1.74 4.52 1.21
N VAL A 159 -2.74 3.90 0.59
CA VAL A 159 -2.51 3.07 -0.56
C VAL A 159 -2.17 3.95 -1.75
N SER A 160 -1.12 3.55 -2.47
CA SER A 160 -0.74 4.16 -3.72
C SER A 160 -0.57 3.08 -4.83
N ASP A 161 -0.12 3.52 -5.99
CA ASP A 161 0.19 2.67 -7.15
C ASP A 161 -1.06 2.25 -7.90
N PHE A 162 -1.51 3.10 -8.81
CA PHE A 162 -2.73 2.88 -9.53
C PHE A 162 -2.49 3.01 -11.05
N ILE A 185 3.73 -10.04 -12.45
CA ILE A 185 2.99 -10.55 -11.30
C ILE A 185 3.88 -10.61 -10.05
N PRO A 186 3.53 -9.84 -8.99
CA PRO A 186 4.30 -9.90 -7.74
C PRO A 186 4.02 -11.19 -6.96
N ILE A 187 4.76 -12.23 -7.32
CA ILE A 187 4.46 -13.60 -6.89
C ILE A 187 4.25 -13.73 -5.40
N ARG A 188 5.16 -13.19 -4.58
CA ARG A 188 5.03 -13.47 -3.16
C ARG A 188 3.95 -12.68 -2.45
N TRP A 189 3.31 -11.74 -3.14
CA TRP A 189 2.12 -11.06 -2.63
C TRP A 189 0.80 -11.56 -3.22
N THR A 190 0.87 -12.48 -4.19
CA THR A 190 -0.26 -12.75 -5.07
C THR A 190 -0.98 -14.06 -4.67
N ALA A 191 -2.31 -14.04 -4.70
CA ALA A 191 -3.15 -15.20 -4.31
C ALA A 191 -2.91 -16.40 -5.25
N PRO A 192 -2.94 -17.62 -4.69
CA PRO A 192 -2.61 -18.79 -5.54
C PRO A 192 -3.43 -18.92 -6.81
N GLU A 193 -4.73 -18.58 -6.76
CA GLU A 193 -5.59 -18.63 -7.93
C GLU A 193 -5.29 -17.53 -8.97
N ALA A 194 -4.87 -16.35 -8.51
CA ALA A 194 -4.52 -15.24 -9.39
C ALA A 194 -3.20 -15.50 -10.15
N ILE A 195 -2.26 -16.20 -9.49
CA ILE A 195 -1.02 -16.71 -10.11
C ILE A 195 -1.36 -17.80 -11.17
N ALA A 196 -2.09 -18.82 -10.74
CA ALA A 196 -2.51 -19.90 -11.64
C ALA A 196 -3.37 -19.44 -12.82
N PHE A 197 -4.38 -18.59 -12.56
CA PHE A 197 -5.40 -18.27 -13.58
C PHE A 197 -5.49 -16.81 -14.06
N ARG A 198 -4.62 -15.93 -13.58
CA ARG A 198 -4.80 -14.47 -13.74
C ARG A 198 -6.16 -13.94 -13.22
N LYS A 199 -6.77 -14.67 -12.29
CA LYS A 199 -8.04 -14.26 -11.67
C LYS A 199 -7.71 -13.26 -10.56
N PHE A 200 -7.74 -11.96 -10.89
CA PHE A 200 -7.55 -10.92 -9.87
C PHE A 200 -8.88 -10.39 -9.40
N THR A 201 -9.15 -10.56 -8.10
CA THR A 201 -10.37 -10.08 -7.48
C THR A 201 -10.05 -9.34 -6.16
N SER A 202 -11.07 -8.75 -5.58
CA SER A 202 -10.94 -8.17 -4.25
C SER A 202 -10.51 -9.24 -3.22
N ALA A 203 -10.86 -10.50 -3.48
CA ALA A 203 -10.48 -11.63 -2.63
C ALA A 203 -9.00 -12.00 -2.79
N SER A 204 -8.48 -11.89 -4.01
CA SER A 204 -7.02 -11.96 -4.19
C SER A 204 -6.31 -10.78 -3.51
N ASP A 205 -6.92 -9.60 -3.52
CA ASP A 205 -6.39 -8.46 -2.78
C ASP A 205 -6.33 -8.77 -1.26
N ALA A 206 -7.32 -9.49 -0.73
CA ALA A 206 -7.36 -9.82 0.69
C ALA A 206 -6.17 -10.71 1.07
N TRP A 207 -5.83 -11.68 0.21
CA TRP A 207 -4.59 -12.49 0.34
C TRP A 207 -3.36 -11.54 0.42
N SER A 208 -3.23 -10.63 -0.52
CA SER A 208 -2.12 -9.67 -0.53
C SER A 208 -2.07 -8.85 0.75
N TYR A 209 -3.25 -8.46 1.27
CA TYR A 209 -3.32 -7.69 2.50
C TYR A 209 -2.77 -8.48 3.69
N GLY A 210 -3.09 -9.74 3.78
CA GLY A 210 -2.44 -10.64 4.74
C GLY A 210 -0.92 -10.62 4.67
N ILE A 211 -0.36 -10.65 3.47
CA ILE A 211 1.08 -10.54 3.31
C ILE A 211 1.58 -9.18 3.86
N VAL A 212 0.89 -8.11 3.52
CA VAL A 212 1.19 -6.77 4.08
C VAL A 212 1.14 -6.77 5.61
N MET A 213 0.13 -7.44 6.19
CA MET A 213 0.08 -7.57 7.63
C MET A 213 1.37 -8.22 8.12
N TRP A 214 1.78 -9.30 7.46
CA TRP A 214 3.03 -10.00 7.88
C TRP A 214 4.24 -9.08 7.75
N GLU A 215 4.30 -8.31 6.67
CA GLU A 215 5.39 -7.34 6.49
C GLU A 215 5.45 -6.32 7.62
N VAL A 216 4.28 -5.78 7.98
CA VAL A 216 4.23 -4.74 8.99
C VAL A 216 4.66 -5.32 10.35
N MET A 217 4.11 -6.48 10.68
CA MET A 217 4.39 -7.08 11.96
C MET A 217 5.84 -7.61 12.05
N SER A 218 6.47 -7.77 10.90
CA SER A 218 7.88 -8.18 10.83
CA SER A 218 7.86 -8.20 10.80
C SER A 218 8.80 -6.99 10.61
N PHE A 219 8.28 -5.77 10.71
CA PHE A 219 9.05 -4.53 10.44
C PHE A 219 9.81 -4.48 9.10
N GLY A 220 9.13 -4.92 8.05
CA GLY A 220 9.60 -4.79 6.66
C GLY A 220 10.52 -5.90 6.19
N GLU A 221 10.44 -7.08 6.82
CA GLU A 221 11.15 -8.22 6.30
C GLU A 221 10.51 -8.63 4.97
N ARG A 222 11.28 -9.26 4.11
CA ARG A 222 10.75 -9.72 2.83
C ARG A 222 9.92 -11.00 3.01
N PRO A 223 8.68 -11.02 2.47
CA PRO A 223 7.92 -12.28 2.56
C PRO A 223 8.68 -13.50 1.99
N TYR A 224 8.68 -14.56 2.76
CA TYR A 224 9.31 -15.83 2.36
C TYR A 224 10.84 -15.70 2.23
N TRP A 225 11.39 -14.68 2.90
CA TRP A 225 12.81 -14.42 2.89
C TRP A 225 13.45 -14.74 1.54
N ASP A 226 14.28 -15.77 1.48
CA ASP A 226 15.09 -16.05 0.29
C ASP A 226 14.50 -17.14 -0.61
N MET A 227 13.41 -17.78 -0.18
CA MET A 227 12.72 -18.67 -1.08
C MET A 227 12.55 -17.97 -2.41
N SER A 228 12.65 -18.74 -3.50
CA SER A 228 12.44 -18.23 -4.83
C SER A 228 10.94 -18.10 -5.11
N ASN A 229 10.60 -17.40 -6.18
CA ASN A 229 9.21 -17.28 -6.58
C ASN A 229 8.58 -18.66 -6.76
N GLN A 230 9.28 -19.54 -7.47
CA GLN A 230 8.75 -20.87 -7.76
C GLN A 230 8.59 -21.70 -6.48
N ASP A 231 9.60 -21.64 -5.62
CA ASP A 231 9.52 -22.24 -4.29
C ASP A 231 8.34 -21.72 -3.49
N VAL A 232 8.11 -20.41 -3.55
CA VAL A 232 6.94 -19.82 -2.91
C VAL A 232 5.66 -20.39 -3.55
N ILE A 233 5.61 -20.46 -4.88
CA ILE A 233 4.42 -20.99 -5.58
C ILE A 233 4.12 -22.44 -5.19
N ASN A 234 5.16 -23.24 -5.06
CA ASN A 234 4.98 -24.64 -4.69
C ASN A 234 4.70 -24.76 -3.20
N ALA A 235 5.30 -23.89 -2.40
CA ALA A 235 5.14 -23.96 -0.94
C ALA A 235 3.69 -23.72 -0.56
N ILE A 236 3.13 -22.65 -1.13
CA ILE A 236 1.72 -22.30 -0.91
C ILE A 236 0.75 -23.40 -1.37
N GLU A 237 0.96 -23.91 -2.57
CA GLU A 237 0.13 -25.00 -3.08
C GLU A 237 0.22 -26.23 -2.17
N GLN A 238 1.34 -26.37 -1.49
CA GLN A 238 1.53 -27.50 -0.57
C GLN A 238 1.30 -27.10 0.89
N ASP A 239 0.50 -26.05 1.07
CA ASP A 239 -0.13 -25.74 2.36
C ASP A 239 0.79 -24.99 3.33
N TYR A 240 1.95 -24.56 2.85
CA TYR A 240 2.86 -23.80 3.68
C TYR A 240 2.23 -22.42 3.84
N ARG A 241 2.32 -21.84 5.03
CA ARG A 241 1.97 -20.43 5.29
C ARG A 241 3.03 -19.81 6.17
N LEU A 242 3.27 -18.51 5.99
CA LEU A 242 4.25 -17.78 6.81
C LEU A 242 3.92 -17.91 8.29
N PRO A 243 4.95 -18.05 9.15
CA PRO A 243 4.72 -18.18 10.58
C PRO A 243 4.47 -16.81 11.23
N PRO A 244 4.01 -16.80 12.48
CA PRO A 244 3.90 -15.50 13.17
C PRO A 244 5.25 -14.83 13.26
N PRO A 245 5.34 -13.52 12.93
CA PRO A 245 6.58 -12.80 13.18
C PRO A 245 6.91 -12.76 14.67
N PRO A 246 8.19 -12.54 15.01
CA PRO A 246 8.52 -12.40 16.43
C PRO A 246 7.57 -11.42 17.10
N ASP A 247 7.15 -11.74 18.33
CA ASP A 247 6.31 -10.86 19.14
C ASP A 247 4.92 -10.58 18.56
N CYS A 248 4.55 -11.22 17.47
CA CYS A 248 3.25 -10.94 16.84
C CYS A 248 2.08 -11.53 17.62
N PRO A 249 1.10 -10.69 18.02
CA PRO A 249 -0.10 -11.24 18.65
C PRO A 249 -0.73 -12.35 17.81
N THR A 250 -1.15 -13.40 18.49
CA THR A 250 -1.68 -14.56 17.81
C THR A 250 -2.91 -14.18 16.99
N SER A 251 -3.78 -13.34 17.55
CA SER A 251 -4.98 -12.87 16.84
C SER A 251 -4.66 -12.18 15.50
N LEU A 252 -3.51 -11.51 15.40
CA LEU A 252 -3.13 -10.88 14.13
C LEU A 252 -2.65 -11.95 13.15
N HIS A 253 -1.89 -12.94 13.65
CA HIS A 253 -1.48 -14.03 12.81
C HIS A 253 -2.67 -14.87 12.32
N GLN A 254 -3.67 -15.04 13.17
CA GLN A 254 -4.87 -15.76 12.76
C GLN A 254 -5.60 -15.04 11.65
N LEU A 255 -5.65 -13.72 11.76
CA LEU A 255 -6.23 -12.91 10.69
C LEU A 255 -5.43 -13.04 9.41
N MET A 256 -4.10 -13.13 9.50
CA MET A 256 -3.29 -13.44 8.31
C MET A 256 -3.70 -14.79 7.71
N LEU A 257 -3.86 -15.82 8.54
CA LEU A 257 -4.21 -17.16 8.03
C LEU A 257 -5.57 -17.17 7.32
N ASP A 258 -6.49 -16.35 7.84
CA ASP A 258 -7.83 -16.21 7.30
C ASP A 258 -7.72 -15.62 5.90
N CYS A 259 -6.89 -14.58 5.77
CA CYS A 259 -6.59 -13.92 4.47
C CYS A 259 -5.92 -14.87 3.46
N TRP A 260 -5.21 -15.87 3.96
CA TRP A 260 -4.52 -16.84 3.12
C TRP A 260 -5.25 -18.20 2.98
N GLN A 261 -6.55 -18.21 3.14
CA GLN A 261 -7.29 -19.45 2.85
C GLN A 261 -7.25 -19.70 1.36
N LYS A 262 -7.07 -20.98 0.98
CA LYS A 262 -7.00 -21.35 -0.42
C LYS A 262 -8.34 -21.06 -1.12
N ASP A 263 -9.45 -21.35 -0.45
CA ASP A 263 -10.77 -20.97 -0.95
C ASP A 263 -10.93 -19.46 -0.78
N ARG A 264 -10.91 -18.75 -1.90
CA ARG A 264 -11.00 -17.30 -1.89
C ARG A 264 -12.30 -16.75 -1.30
N ASN A 265 -13.39 -17.52 -1.40
CA ASN A 265 -14.66 -17.11 -0.82
C ASN A 265 -14.65 -17.20 0.69
N ALA A 266 -13.70 -17.94 1.25
CA ALA A 266 -13.61 -18.11 2.71
C ALA A 266 -12.85 -16.96 3.33
N ARG A 267 -12.09 -16.24 2.51
CA ARG A 267 -11.33 -15.10 3.03
C ARG A 267 -12.26 -14.01 3.54
N PRO A 268 -11.84 -13.28 4.57
CA PRO A 268 -12.63 -12.15 4.99
C PRO A 268 -12.63 -11.08 3.91
N ARG A 269 -13.78 -10.45 3.71
CA ARG A 269 -13.86 -9.26 2.87
C ARG A 269 -13.30 -8.08 3.65
N PHE A 270 -12.96 -7.00 2.97
CA PHE A 270 -12.31 -5.87 3.65
C PHE A 270 -13.11 -5.18 4.77
N PRO A 271 -14.44 -5.12 4.68
CA PRO A 271 -15.20 -4.63 5.82
C PRO A 271 -15.00 -5.46 7.10
N GLN A 272 -14.96 -6.79 6.93
CA GLN A 272 -14.74 -7.70 8.06
C GLN A 272 -13.30 -7.52 8.58
N VAL A 273 -12.34 -7.30 7.67
CA VAL A 273 -10.98 -7.02 8.08
C VAL A 273 -10.89 -5.79 8.98
N VAL A 274 -11.50 -4.69 8.55
CA VAL A 274 -11.47 -3.47 9.32
C VAL A 274 -12.14 -3.66 10.69
N SER A 275 -13.30 -4.31 10.69
CA SER A 275 -14.05 -4.54 11.90
C SER A 275 -13.24 -5.40 12.87
N ALA A 276 -12.52 -6.40 12.36
CA ALA A 276 -11.66 -7.23 13.20
C ALA A 276 -10.58 -6.40 13.90
N LEU A 277 -9.91 -5.55 13.12
CA LEU A 277 -8.85 -4.66 13.59
C LEU A 277 -9.37 -3.62 14.60
N ASP A 278 -10.52 -3.05 14.31
CA ASP A 278 -11.20 -2.17 15.27
C ASP A 278 -11.51 -2.90 16.60
N LYS A 279 -11.95 -4.14 16.52
CA LYS A 279 -12.19 -4.95 17.73
C LYS A 279 -10.96 -5.09 18.63
N MET A 280 -9.81 -5.31 18.00
CA MET A 280 -8.50 -5.41 18.67
C MET A 280 -8.04 -4.10 19.28
N ILE A 281 -8.30 -3.00 18.57
CA ILE A 281 -8.04 -1.67 19.10
C ILE A 281 -8.94 -1.35 20.32
N ARG A 282 -10.23 -1.74 20.26
CA ARG A 282 -11.15 -1.57 21.38
C ARG A 282 -10.68 -2.37 22.58
N ASN A 283 -10.11 -3.54 22.31
CA ASN A 283 -9.85 -4.54 23.32
C ASN A 283 -8.39 -4.97 23.31
N PRO A 284 -7.46 -4.05 23.64
CA PRO A 284 -6.03 -4.32 23.45
C PRO A 284 -5.52 -5.51 24.25
N ALA A 285 -6.23 -5.86 25.31
CA ALA A 285 -5.99 -7.09 26.03
C ALA A 285 -5.77 -8.27 25.06
N SER A 286 -6.64 -8.38 24.07
CA SER A 286 -6.59 -9.45 23.07
C SER A 286 -5.22 -9.60 22.39
N LEU A 287 -4.49 -8.50 22.30
CA LEU A 287 -3.21 -8.47 21.57
C LEU A 287 -2.01 -8.93 22.41
N LYS A 288 -2.19 -9.14 23.70
CA LYS A 288 -1.07 -9.58 24.55
C LYS A 288 -0.71 -11.07 24.33
N ILE A 289 -1.68 -11.88 23.92
CA ILE A 289 -1.39 -13.31 23.64
C ILE A 289 -0.53 -13.42 22.38
N VAL A 290 0.63 -14.08 22.51
CA VAL A 290 1.68 -14.04 21.48
C VAL A 290 2.23 -15.44 21.17
C1 7X2 B . 10.92 11.05 2.38
O2 7X2 B . 11.18 9.92 1.54
C3 7X2 B . 10.20 9.61 0.65
C4 7X2 B . 9.00 10.27 0.55
C5 7X2 B . 8.05 9.86 -0.40
N6 7X2 B . 6.84 10.53 -0.50
C7 7X2 B . 5.87 10.41 -1.47
N8 7X2 B . 4.73 11.07 -1.25
C9 7X2 B . 3.74 11.07 -2.11
C10 7X2 B . 3.88 10.33 -3.25
C11 7X2 B . 5.09 9.63 -3.49
N12 7X2 B . 5.27 8.88 -4.66
C13 7X2 B . 4.33 8.86 -5.71
C14 7X2 B . 4.07 10.02 -6.48
O15 7X2 B . 4.64 11.26 -6.40
C16 7X2 B . 3.75 12.12 -7.14
O17 7X2 B . 3.09 11.25 -8.09
C18 7X2 B . 3.12 10.01 -7.50
C19 7X2 B . 2.40 8.85 -7.78
C20 7X2 B . 2.63 7.69 -7.00
C21 7X2 B . 3.59 7.71 -6.00
CL1 7X2 B . 3.88 6.28 -5.05
N23 7X2 B . 6.07 9.71 -2.58
C24 7X2 B . 8.27 8.76 -1.22
C25 7X2 B . 9.47 8.08 -1.12
O26 7X2 B . 9.67 7.00 -1.94
C27 7X2 B . 8.82 5.92 -1.61
C28 7X2 B . 10.43 8.50 -0.18
O29 7X2 B . 11.63 7.86 -0.04
C30 7X2 B . 12.31 7.95 -1.29
#